data_7QFF
#
_entry.id   7QFF
#
_cell.length_a   94.40
_cell.length_b   94.40
_cell.length_c   126.83
_cell.angle_alpha   90.00
_cell.angle_beta   90.00
_cell.angle_gamma   90.00
#
_symmetry.space_group_name_H-M   'P 43 21 2'
#
loop_
_entity.id
_entity.type
_entity.pdbx_description
1 polymer 'Cathepsin L2'
2 polymer ACE-VAL-ALA-CYS-LYS
3 polymer GLU-TYR-SER
4 non-polymer (4S)-2-METHYL-2,4-PENTANEDIOL
5 non-polymer 'CHLORIDE ION'
6 non-polymer GLYCEROL
7 non-polymer 'trifluoroacetic acid'
8 water water
#
loop_
_entity_poly.entity_id
_entity_poly.type
_entity_poly.pdbx_seq_one_letter_code
_entity_poly.pdbx_strand_id
1 'polypeptide(L)'
;LPKSVDWRKKGYVTPVKNQKQCGSAWAFSATGALEGQMFRKTGKLVSLSEQNLVDCSRPQGNQGCNGGFMARAFQYVKEN
GGLDSEESYPYVAVDEICKYRPENSVAQDTGFTVVAPGKEKALMKAVATVGPISVAMDAGHSSFQFYKSGIYFEPDCSSK
NLDHGVLVVGYGFEGANSQNSKYWLVKNSWGPEWGSNGYVKIAKDKNNHCGIATAASYPNV
;
AA,BA
2 'polypeptide(L)' (ACE)VACKSSQP(NH2) PA,PB
3 'polypeptide(L)' EYS PAB
#
loop_
_chem_comp.id
_chem_comp.type
_chem_comp.name
_chem_comp.formula
ACE non-polymer 'ACETYL GROUP' 'C2 H4 O'
CL non-polymer 'CHLORIDE ION' 'Cl -1'
GOL non-polymer GLYCEROL 'C3 H8 O3'
MPD non-polymer (4S)-2-METHYL-2,4-PENTANEDIOL 'C6 H14 O2'
NH2 non-polymer 'AMINO GROUP' 'H2 N'
TFA non-polymer 'trifluoroacetic acid' 'C2 H F3 O2'
#
# COMPACT_ATOMS: atom_id res chain seq x y z
N LEU A 1 18.36 -14.45 -5.86
CA LEU A 1 17.39 -13.42 -5.46
C LEU A 1 16.06 -13.49 -6.20
N PRO A 2 14.92 -13.14 -5.56
CA PRO A 2 13.63 -13.17 -6.21
C PRO A 2 13.50 -12.24 -7.38
N LYS A 3 12.69 -12.60 -8.34
CA LYS A 3 12.47 -11.70 -9.51
C LYS A 3 11.76 -10.38 -9.13
N SER A 4 10.99 -10.43 -8.04
CA SER A 4 10.38 -9.21 -7.56
C SER A 4 10.19 -9.33 -6.07
N VAL A 5 10.09 -8.16 -5.42
CA VAL A 5 9.92 -8.06 -3.98
C VAL A 5 8.99 -6.88 -3.71
N ASP A 6 8.09 -7.09 -2.73
CA ASP A 6 7.25 -5.96 -2.33
C ASP A 6 6.90 -6.17 -0.86
N TRP A 7 7.65 -5.46 0.03
CA TRP A 7 7.46 -5.63 1.45
C TRP A 7 6.11 -5.13 1.96
N ARG A 8 5.41 -4.27 1.17
CA ARG A 8 4.09 -3.82 1.60
C ARG A 8 3.13 -4.97 1.73
N LYS A 9 3.35 -6.01 0.93
CA LYS A 9 2.45 -7.15 0.92
C LYS A 9 2.72 -8.13 2.06
N LYS A 10 3.74 -7.89 2.88
CA LYS A 10 4.10 -8.71 3.99
C LYS A 10 3.93 -8.00 5.31
N GLY A 11 3.39 -6.79 5.32
CA GLY A 11 3.09 -6.13 6.58
C GLY A 11 4.17 -5.25 7.15
N TYR A 12 5.25 -5.05 6.42
CA TYR A 12 6.43 -4.27 6.89
C TYR A 12 6.32 -2.76 6.77
N VAL A 13 5.30 -2.25 6.05
CA VAL A 13 5.25 -0.84 5.71
C VAL A 13 4.00 -0.16 6.18
N THR A 14 4.17 1.00 6.87
CA THR A 14 3.03 1.80 7.35
C THR A 14 2.38 2.58 6.18
N PRO A 15 1.19 3.11 6.35
CA PRO A 15 0.58 3.90 5.28
C PRO A 15 1.44 5.14 4.98
N VAL A 16 1.31 5.65 3.79
CA VAL A 16 2.10 6.81 3.37
C VAL A 16 1.82 8.02 4.20
N LYS A 17 2.91 8.71 4.60
CA LYS A 17 2.84 9.89 5.43
C LYS A 17 3.13 11.15 4.65
N ASN A 18 3.00 12.34 5.27
CA ASN A 18 3.19 13.61 4.57
C ASN A 18 4.02 14.56 5.40
N GLN A 19 5.24 14.87 4.91
CA GLN A 19 6.16 15.77 5.62
C GLN A 19 5.69 17.23 5.58
N LYS A 20 4.77 17.53 4.66
CA LYS A 20 4.25 18.89 4.49
C LYS A 20 5.42 19.87 4.23
N GLN A 21 5.31 21.12 4.71
CA GLN A 21 6.33 22.12 4.39
C GLN A 21 7.44 22.15 5.39
N CYS A 22 8.17 21.08 5.44
CA CYS A 22 9.28 20.89 6.34
C CYS A 22 10.28 19.99 5.61
N GLY A 23 11.58 20.30 5.63
CA GLY A 23 12.55 19.48 4.90
C GLY A 23 13.01 18.29 5.74
N SER A 24 12.03 17.40 6.03
CA SER A 24 12.26 16.26 6.92
C SER A 24 12.17 14.92 6.25
N ALA A 25 12.30 14.87 4.90
CA ALA A 25 12.14 13.57 4.27
C ALA A 25 13.16 12.60 4.80
N TRP A 26 14.36 13.06 5.24
CA TRP A 26 15.36 12.17 5.81
C TRP A 26 14.82 11.45 7.05
N ALA A 27 13.94 12.14 7.82
CA ALA A 27 13.36 11.54 9.02
C ALA A 27 12.29 10.51 8.67
N PHE A 28 11.52 10.77 7.59
CA PHE A 28 10.54 9.77 7.12
C PHE A 28 11.20 8.56 6.50
N SER A 29 12.29 8.76 5.80
CA SER A 29 13.00 7.60 5.26
C SER A 29 13.52 6.74 6.37
N ALA A 30 14.09 7.41 7.43
CA ALA A 30 14.64 6.69 8.55
C ALA A 30 13.59 5.97 9.35
N THR A 31 12.42 6.63 9.66
CA THR A 31 11.40 5.90 10.39
C THR A 31 10.84 4.75 9.55
N GLY A 32 10.75 4.91 8.21
CA GLY A 32 10.25 3.82 7.38
C GLY A 32 11.13 2.62 7.49
N ALA A 33 12.47 2.81 7.39
CA ALA A 33 13.36 1.67 7.50
C ALA A 33 13.30 1.01 8.88
N LEU A 34 13.23 1.86 9.93
N LEU A 34 13.22 1.87 9.95
CA LEU A 34 13.16 1.29 11.27
CA LEU A 34 13.14 1.31 11.30
C LEU A 34 11.84 0.58 11.49
C LEU A 34 11.83 0.57 11.50
N GLU A 35 10.74 1.07 10.88
CA GLU A 35 9.46 0.41 11.01
C GLU A 35 9.55 -0.99 10.44
N GLY A 36 10.22 -1.14 9.31
CA GLY A 36 10.33 -2.49 8.74
C GLY A 36 11.21 -3.40 9.56
N GLN A 37 12.35 -2.89 10.09
CA GLN A 37 13.22 -3.79 10.89
C GLN A 37 12.60 -4.12 12.22
N MET A 38 11.88 -3.20 12.82
CA MET A 38 11.20 -3.60 14.05
C MET A 38 10.14 -4.63 13.80
N PHE A 39 9.49 -4.54 12.62
CA PHE A 39 8.45 -5.54 12.33
C PHE A 39 9.09 -6.91 12.10
N ARG A 40 10.22 -6.95 11.39
CA ARG A 40 10.94 -8.22 11.15
C ARG A 40 11.34 -8.83 12.48
N LYS A 41 11.72 -7.95 13.44
CA LYS A 41 12.15 -8.45 14.76
C LYS A 41 11.02 -8.90 15.71
N THR A 42 9.87 -8.21 15.72
CA THR A 42 8.84 -8.51 16.69
C THR A 42 7.52 -8.94 16.12
N GLY A 43 7.30 -8.77 14.82
CA GLY A 43 5.98 -9.09 14.30
C GLY A 43 4.96 -8.01 14.50
N LYS A 44 5.36 -6.82 15.01
CA LYS A 44 4.40 -5.77 15.26
C LYS A 44 4.74 -4.54 14.48
N LEU A 45 3.77 -4.04 13.74
CA LEU A 45 3.98 -2.84 12.95
C LEU A 45 3.58 -1.62 13.75
N VAL A 46 4.57 -0.77 14.11
CA VAL A 46 4.27 0.42 14.91
C VAL A 46 4.84 1.68 14.23
N SER A 47 3.99 2.61 13.96
CA SER A 47 4.41 3.86 13.32
C SER A 47 5.36 4.62 14.27
N LEU A 48 6.47 5.15 13.74
CA LEU A 48 7.52 5.81 14.52
C LEU A 48 7.50 7.29 14.31
N SER A 49 8.08 8.03 15.29
CA SER A 49 8.03 9.48 15.29
C SER A 49 9.11 10.23 14.52
N GLU A 50 8.69 10.82 13.38
CA GLU A 50 9.62 11.67 12.67
C GLU A 50 9.92 12.92 13.48
N GLN A 51 8.91 13.38 14.25
CA GLN A 51 9.12 14.62 14.99
C GLN A 51 10.15 14.43 16.03
N ASN A 52 10.24 13.23 16.58
CA ASN A 52 11.24 12.98 17.60
C ASN A 52 12.62 13.16 16.96
N LEU A 53 12.79 12.70 15.71
CA LEU A 53 14.07 12.85 15.00
C LEU A 53 14.32 14.32 14.65
N VAL A 54 13.28 15.04 14.24
CA VAL A 54 13.48 16.44 13.85
C VAL A 54 13.92 17.29 15.02
N ASP A 55 13.23 17.12 16.14
CA ASP A 55 13.54 17.95 17.31
C ASP A 55 14.79 17.56 18.07
N CYS A 56 15.16 16.26 18.07
CA CYS A 56 16.22 15.79 18.95
C CYS A 56 17.55 15.40 18.36
N SER A 57 17.69 15.33 17.04
CA SER A 57 18.96 14.84 16.54
C SER A 57 19.92 15.88 16.02
N ARG A 58 19.81 17.12 16.50
CA ARG A 58 20.79 18.13 16.11
C ARG A 58 22.22 17.70 16.55
N PRO A 59 22.46 17.13 17.75
CA PRO A 59 23.84 16.72 18.10
C PRO A 59 24.50 15.79 17.12
N GLN A 60 23.70 14.94 16.47
CA GLN A 60 24.18 13.98 15.52
C GLN A 60 24.38 14.61 14.13
N GLY A 61 24.10 15.86 13.98
CA GLY A 61 24.34 16.52 12.72
C GLY A 61 23.15 16.77 11.82
N ASN A 62 21.92 16.48 12.32
CA ASN A 62 20.73 16.81 11.52
C ASN A 62 20.28 18.25 11.80
N GLN A 63 19.46 18.83 10.94
CA GLN A 63 19.02 20.22 11.16
C GLN A 63 17.53 20.35 11.00
N GLY A 64 16.83 19.34 11.50
CA GLY A 64 15.37 19.41 11.50
C GLY A 64 14.69 19.63 10.18
N CYS A 65 13.86 20.68 10.13
CA CYS A 65 13.14 21.00 8.90
C CYS A 65 14.08 21.60 7.85
N ASN A 66 15.34 21.85 8.21
N ASN A 66 15.36 21.84 8.20
CA ASN A 66 16.32 22.36 7.27
CA ASN A 66 16.31 22.36 7.23
C ASN A 66 17.15 21.26 6.62
C ASN A 66 17.15 21.27 6.61
N GLY A 67 16.82 19.98 6.88
CA GLY A 67 17.55 18.88 6.25
C GLY A 67 18.31 18.00 7.21
N GLY A 68 18.74 16.86 6.71
CA GLY A 68 19.36 15.89 7.57
C GLY A 68 19.69 14.64 6.77
N PHE A 69 20.14 13.58 7.47
CA PHE A 69 20.55 12.31 6.85
C PHE A 69 20.05 11.14 7.59
N MET A 70 19.63 10.10 6.88
CA MET A 70 19.12 8.91 7.54
C MET A 70 20.18 8.24 8.43
N ALA A 71 21.47 8.24 8.00
CA ALA A 71 22.49 7.59 8.83
C ALA A 71 22.65 8.34 10.15
N ARG A 72 22.55 9.69 10.10
CA ARG A 72 22.65 10.46 11.35
C ARG A 72 21.45 10.19 12.23
N ALA A 73 20.25 9.94 11.63
CA ALA A 73 19.13 9.57 12.43
C ALA A 73 19.30 8.21 13.09
N PHE A 74 19.82 7.19 12.35
CA PHE A 74 20.05 5.89 13.00
C PHE A 74 21.10 6.01 14.12
N GLN A 75 22.07 6.94 13.94
CA GLN A 75 23.09 7.20 14.99
C GLN A 75 22.39 7.79 16.19
N TYR A 76 21.44 8.73 15.99
CA TYR A 76 20.74 9.27 17.16
C TYR A 76 19.97 8.19 17.89
N VAL A 77 19.24 7.32 17.16
CA VAL A 77 18.45 6.35 17.89
C VAL A 77 19.40 5.44 18.72
N LYS A 78 20.59 5.11 18.17
CA LYS A 78 21.58 4.29 18.93
C LYS A 78 22.08 5.05 20.16
N GLU A 79 22.53 6.28 19.95
CA GLU A 79 23.11 7.04 21.10
C GLU A 79 22.08 7.35 22.11
N ASN A 80 20.83 7.57 21.67
CA ASN A 80 19.78 7.90 22.58
C ASN A 80 19.15 6.79 23.33
N GLY A 81 19.32 5.55 22.85
CA GLY A 81 18.71 4.39 23.47
C GLY A 81 17.27 4.11 23.10
N GLY A 82 16.71 4.85 22.11
CA GLY A 82 15.31 4.61 21.77
C GLY A 82 14.75 5.70 20.86
N LEU A 83 13.48 5.46 20.47
CA LEU A 83 12.72 6.37 19.58
C LEU A 83 11.24 6.20 19.92
N ASP A 84 10.54 7.31 20.08
CA ASP A 84 9.11 7.28 20.42
C ASP A 84 8.20 6.96 19.27
N SER A 85 7.03 6.46 19.58
CA SER A 85 6.02 6.19 18.53
C SER A 85 5.42 7.49 17.94
N GLU A 86 4.83 7.40 16.70
CA GLU A 86 4.19 8.49 16.03
C GLU A 86 3.05 8.98 16.88
N GLU A 87 2.36 8.03 17.52
CA GLU A 87 1.25 8.43 18.33
C GLU A 87 1.63 9.21 19.53
N SER A 88 2.69 8.81 20.18
CA SER A 88 3.06 9.55 21.41
C SER A 88 3.82 10.83 21.18
N TYR A 89 4.44 10.98 19.99
CA TYR A 89 5.26 12.18 19.69
C TYR A 89 4.84 12.58 18.28
N PRO A 90 3.71 13.17 18.15
CA PRO A 90 3.16 13.55 16.85
C PRO A 90 3.88 14.56 16.01
N TYR A 91 3.67 14.39 14.69
CA TYR A 91 4.30 15.26 13.69
C TYR A 91 3.61 16.57 13.47
N VAL A 92 4.36 17.69 13.56
CA VAL A 92 3.77 19.00 13.37
C VAL A 92 4.47 19.83 12.29
N ALA A 93 5.50 19.21 11.63
CA ALA A 93 6.20 19.85 10.51
C ALA A 93 6.88 21.20 10.77
N VAL A 94 7.36 21.41 11.99
CA VAL A 94 8.15 22.58 12.36
C VAL A 94 9.15 22.12 13.41
N ASP A 95 10.29 22.82 13.49
N ASP A 95 10.28 22.84 13.50
CA ASP A 95 11.25 22.50 14.53
CA ASP A 95 11.28 22.56 14.52
C ASP A 95 10.70 22.88 15.88
C ASP A 95 10.75 22.91 15.90
N GLU A 96 10.72 21.97 16.81
CA GLU A 96 10.24 22.20 18.18
C GLU A 96 11.22 21.69 19.22
N ILE A 97 10.90 21.90 20.50
CA ILE A 97 11.74 21.44 21.60
C ILE A 97 11.79 19.93 21.63
N CYS A 98 12.96 19.37 21.92
CA CYS A 98 13.04 17.91 22.07
C CYS A 98 12.23 17.44 23.25
N LYS A 99 11.28 16.51 23.02
CA LYS A 99 10.42 15.98 24.06
C LYS A 99 10.50 14.46 24.07
N TYR A 100 11.71 13.93 23.85
CA TYR A 100 11.88 12.48 23.87
C TYR A 100 11.53 11.97 25.26
N ARG A 101 10.73 10.92 25.31
CA ARG A 101 10.28 10.24 26.53
C ARG A 101 10.66 8.82 26.48
N PRO A 102 11.61 8.33 27.28
CA PRO A 102 11.97 6.92 27.23
C PRO A 102 10.84 5.93 27.47
N GLU A 103 9.84 6.31 28.29
CA GLU A 103 8.79 5.37 28.57
C GLU A 103 7.91 5.15 27.35
N ASN A 104 8.02 6.07 26.32
CA ASN A 104 7.22 5.91 25.12
C ASN A 104 8.05 5.31 23.98
N SER A 105 9.23 4.86 24.24
CA SER A 105 10.08 4.30 23.20
C SER A 105 9.55 2.99 22.72
N VAL A 106 9.56 2.77 21.37
CA VAL A 106 9.06 1.50 20.84
C VAL A 106 10.06 0.97 19.81
N ALA A 107 11.24 1.59 19.70
CA ALA A 107 12.23 1.09 18.78
C ALA A 107 13.63 1.39 19.27
N GLN A 108 14.60 0.58 18.83
CA GLN A 108 16.01 0.73 19.17
C GLN A 108 16.85 0.27 18.01
N ASP A 109 18.08 0.76 17.90
CA ASP A 109 19.00 0.20 16.93
C ASP A 109 20.41 0.32 17.51
N THR A 110 21.32 -0.49 17.00
CA THR A 110 22.72 -0.51 17.48
C THR A 110 23.66 0.16 16.50
N GLY A 111 23.11 0.82 15.46
CA GLY A 111 23.91 1.41 14.44
C GLY A 111 23.22 1.08 13.13
N PHE A 112 23.96 1.07 12.06
CA PHE A 112 23.32 0.83 10.76
C PHE A 112 24.30 0.19 9.82
N THR A 113 23.78 -0.42 8.75
CA THR A 113 24.58 -1.04 7.71
C THR A 113 24.49 -0.17 6.44
N VAL A 114 25.58 0.01 5.71
CA VAL A 114 25.63 0.77 4.48
C VAL A 114 25.75 -0.18 3.29
N VAL A 115 25.02 0.14 2.23
CA VAL A 115 25.13 -0.59 0.97
C VAL A 115 26.28 0.02 0.20
N ALA A 116 27.01 -0.85 -0.55
CA ALA A 116 28.15 -0.36 -1.30
C ALA A 116 27.68 0.79 -2.21
N PRO A 117 28.33 1.95 -2.14
CA PRO A 117 27.85 3.05 -3.00
C PRO A 117 27.89 2.78 -4.46
N GLY A 118 26.76 3.17 -5.08
CA GLY A 118 26.60 3.05 -6.53
C GLY A 118 26.30 1.64 -6.97
N LYS A 119 26.25 0.63 -6.06
CA LYS A 119 26.00 -0.70 -6.60
C LYS A 119 24.55 -1.13 -6.55
N GLU A 120 23.85 -1.01 -7.70
CA GLU A 120 22.45 -1.47 -7.71
C GLU A 120 22.27 -2.94 -7.36
N LYS A 121 23.24 -3.85 -7.67
CA LYS A 121 23.04 -5.21 -7.30
C LYS A 121 23.16 -5.42 -5.84
N ALA A 122 24.05 -4.59 -5.14
CA ALA A 122 24.15 -4.72 -3.73
C ALA A 122 22.85 -4.25 -3.07
N LEU A 123 22.28 -3.21 -3.68
CA LEU A 123 21.00 -2.70 -3.14
C LEU A 123 19.89 -3.74 -3.34
N MET A 124 19.90 -4.43 -4.50
CA MET A 124 18.88 -5.46 -4.74
C MET A 124 18.97 -6.59 -3.70
N LYS A 125 20.22 -7.00 -3.34
CA LYS A 125 20.42 -8.01 -2.34
C LYS A 125 19.95 -7.54 -0.98
N ALA A 126 20.22 -6.24 -0.65
CA ALA A 126 19.73 -5.75 0.63
C ALA A 126 18.19 -5.73 0.68
N VAL A 127 17.55 -5.21 -0.39
CA VAL A 127 16.07 -5.18 -0.37
C VAL A 127 15.49 -6.60 -0.26
N ALA A 128 16.11 -7.56 -0.95
CA ALA A 128 15.53 -8.90 -0.90
C ALA A 128 15.72 -9.64 0.39
N THR A 129 16.86 -9.39 1.13
CA THR A 129 17.11 -10.17 2.29
C THR A 129 16.85 -9.46 3.62
N VAL A 130 16.70 -8.13 3.58
CA VAL A 130 16.59 -7.39 4.84
C VAL A 130 15.22 -6.79 5.11
N GLY A 131 14.66 -6.15 4.09
CA GLY A 131 13.42 -5.40 4.23
C GLY A 131 13.57 -4.05 3.57
N PRO A 132 12.68 -3.09 3.86
CA PRO A 132 12.80 -1.75 3.23
C PRO A 132 14.15 -1.08 3.57
N ILE A 133 14.70 -0.37 2.61
CA ILE A 133 16.03 0.24 2.73
C ILE A 133 15.95 1.76 2.56
N SER A 134 16.56 2.57 3.45
CA SER A 134 16.61 4.03 3.27
C SER A 134 17.53 4.37 2.11
N VAL A 135 17.15 5.32 1.25
CA VAL A 135 17.99 5.74 0.13
C VAL A 135 17.81 7.21 -0.12
N ALA A 136 18.83 7.85 -0.71
CA ALA A 136 18.74 9.23 -1.12
C ALA A 136 18.55 9.27 -2.64
N MET A 137 17.94 10.30 -3.15
CA MET A 137 17.77 10.41 -4.58
C MET A 137 17.73 11.85 -4.99
N ASP A 138 17.90 12.07 -6.32
CA ASP A 138 17.73 13.38 -6.92
C ASP A 138 16.25 13.52 -7.29
N ALA A 139 15.48 14.27 -6.48
CA ALA A 139 14.07 14.48 -6.73
C ALA A 139 13.79 15.89 -7.20
N GLY A 140 14.84 16.66 -7.50
CA GLY A 140 14.66 18.06 -7.83
C GLY A 140 14.22 18.33 -9.26
N HIS A 141 13.08 17.81 -9.66
CA HIS A 141 12.60 18.04 -11.03
C HIS A 141 11.11 18.13 -11.05
N SER A 142 10.55 18.94 -11.94
CA SER A 142 9.13 18.99 -12.00
C SER A 142 8.55 17.67 -12.45
N SER A 143 9.30 16.81 -13.20
CA SER A 143 8.75 15.55 -13.64
C SER A 143 8.48 14.67 -12.42
N PHE A 144 9.24 14.94 -11.36
CA PHE A 144 9.04 14.08 -10.16
C PHE A 144 7.90 14.61 -9.38
N GLN A 145 7.84 15.90 -9.31
CA GLN A 145 6.77 16.55 -8.59
C GLN A 145 5.44 16.18 -9.18
N PHE A 146 5.37 16.02 -10.50
CA PHE A 146 4.10 15.69 -11.17
C PHE A 146 3.97 14.27 -11.65
N TYR A 147 4.86 13.37 -11.18
CA TYR A 147 4.83 11.99 -11.50
C TYR A 147 3.50 11.38 -11.15
N LYS A 148 2.97 10.52 -12.00
N LYS A 148 2.96 10.51 -11.96
CA LYS A 148 1.71 9.92 -11.64
CA LYS A 148 1.68 9.92 -11.63
C LYS A 148 1.71 8.45 -11.79
C LYS A 148 1.72 8.40 -11.77
N SER A 149 2.34 7.89 -12.81
CA SER A 149 2.40 6.44 -12.99
C SER A 149 3.49 6.03 -13.96
N GLY A 150 3.74 4.75 -14.06
CA GLY A 150 4.75 4.20 -14.94
C GLY A 150 6.11 4.28 -14.29
N ILE A 151 7.14 3.92 -15.04
CA ILE A 151 8.51 3.92 -14.58
C ILE A 151 9.05 5.29 -14.76
N TYR A 152 9.54 5.88 -13.68
CA TYR A 152 10.09 7.21 -13.74
C TYR A 152 11.50 7.21 -14.29
N PHE A 153 11.72 8.05 -15.31
CA PHE A 153 13.06 8.19 -15.87
C PHE A 153 13.18 9.68 -16.21
N GLU A 154 14.24 10.31 -15.74
CA GLU A 154 14.47 11.70 -15.95
C GLU A 154 15.88 11.94 -16.48
N PRO A 155 16.02 12.43 -17.73
CA PRO A 155 17.36 12.64 -18.27
C PRO A 155 18.27 13.55 -17.51
N ASP A 156 17.69 14.52 -16.85
CA ASP A 156 18.44 15.50 -16.09
C ASP A 156 18.77 14.98 -14.66
N CYS A 157 18.46 13.69 -14.38
CA CYS A 157 18.77 13.19 -13.01
C CYS A 157 20.27 13.02 -12.75
N SER A 158 20.65 13.23 -11.50
CA SER A 158 22.02 13.04 -11.04
C SER A 158 22.10 11.79 -10.17
N SER A 159 23.18 11.03 -10.32
CA SER A 159 23.41 9.89 -9.44
C SER A 159 24.34 10.30 -8.28
N LYS A 160 24.84 11.53 -8.31
CA LYS A 160 25.80 12.03 -7.33
C LYS A 160 25.29 13.10 -6.40
N ASN A 161 24.58 14.08 -6.91
CA ASN A 161 24.14 15.17 -6.05
C ASN A 161 22.70 14.96 -5.76
N LEU A 162 22.45 14.50 -4.54
CA LEU A 162 21.10 14.11 -4.16
C LEU A 162 20.45 15.06 -3.21
N ASP A 163 19.11 15.05 -3.16
CA ASP A 163 18.45 16.03 -2.32
C ASP A 163 17.23 15.56 -1.56
N HIS A 164 16.94 14.29 -1.59
CA HIS A 164 15.70 13.83 -0.98
C HIS A 164 15.81 12.39 -0.49
N GLY A 165 15.41 12.13 0.76
CA GLY A 165 15.42 10.79 1.32
C GLY A 165 14.08 10.11 1.08
N VAL A 166 14.15 8.84 0.69
CA VAL A 166 12.95 8.05 0.40
C VAL A 166 13.22 6.60 0.87
N LEU A 167 12.27 5.70 0.64
CA LEU A 167 12.40 4.31 1.11
C LEU A 167 12.15 3.31 0.01
N VAL A 168 13.09 2.43 -0.25
CA VAL A 168 12.85 1.37 -1.27
C VAL A 168 12.19 0.23 -0.55
N VAL A 169 10.91 -0.06 -0.97
CA VAL A 169 10.17 -1.16 -0.32
C VAL A 169 10.13 -2.39 -1.21
N GLY A 170 10.80 -2.37 -2.36
CA GLY A 170 10.79 -3.56 -3.21
C GLY A 170 11.30 -3.24 -4.58
N TYR A 171 11.14 -4.21 -5.50
CA TYR A 171 11.56 -3.97 -6.88
C TYR A 171 10.77 -4.93 -7.76
N GLY A 172 10.76 -4.67 -9.02
CA GLY A 172 9.97 -5.55 -9.87
C GLY A 172 10.26 -5.25 -11.32
N PHE A 173 9.31 -5.68 -12.14
CA PHE A 173 9.50 -5.50 -13.57
C PHE A 173 8.17 -5.46 -14.23
N GLU A 174 8.15 -4.80 -15.38
CA GLU A 174 6.90 -4.78 -16.13
C GLU A 174 6.97 -5.76 -17.27
N GLY A 175 5.89 -6.51 -17.45
CA GLY A 175 5.84 -7.49 -18.54
C GLY A 175 6.19 -8.90 -18.11
N ALA A 176 6.52 -9.79 -19.08
CA ALA A 176 6.80 -11.16 -18.68
C ALA A 176 8.26 -11.47 -18.50
N ASN A 177 9.14 -10.65 -19.03
CA ASN A 177 10.56 -10.92 -18.84
C ASN A 177 10.99 -10.29 -17.55
N SER A 178 11.66 -11.03 -16.66
CA SER A 178 11.97 -10.36 -15.38
C SER A 178 13.09 -9.34 -15.50
N GLN A 179 13.74 -9.28 -16.67
CA GLN A 179 14.70 -8.21 -16.90
C GLN A 179 13.91 -7.23 -17.78
N ASN A 180 14.50 -6.20 -18.35
N ASN A 180 14.23 -6.32 -18.56
CA ASN A 180 13.66 -5.32 -19.18
CA ASN A 180 13.19 -5.56 -19.30
C ASN A 180 12.60 -4.64 -18.33
C ASN A 180 12.34 -4.71 -18.40
N SER A 181 12.49 -3.33 -18.43
CA SER A 181 11.52 -2.53 -17.70
C SER A 181 11.57 -2.79 -16.19
N LYS A 182 12.75 -2.98 -15.65
CA LYS A 182 12.88 -3.21 -14.20
C LYS A 182 12.69 -1.91 -13.43
N TYR A 183 12.22 -2.01 -12.20
CA TYR A 183 12.04 -0.76 -11.44
C TYR A 183 12.19 -0.99 -9.95
N TRP A 184 12.51 0.12 -9.27
CA TRP A 184 12.58 0.13 -7.79
C TRP A 184 11.24 0.64 -7.33
N LEU A 185 10.67 -0.01 -6.28
CA LEU A 185 9.38 0.43 -5.71
C LEU A 185 9.71 1.37 -4.55
N VAL A 186 9.38 2.66 -4.70
CA VAL A 186 9.80 3.67 -3.72
C VAL A 186 8.65 4.36 -3.04
N LYS A 187 8.69 4.33 -1.70
CA LYS A 187 7.73 5.05 -0.86
C LYS A 187 8.19 6.52 -0.65
N ASN A 188 7.34 7.45 -0.96
CA ASN A 188 7.68 8.88 -0.71
C ASN A 188 6.98 9.36 0.56
N SER A 189 7.20 10.60 0.95
CA SER A 189 6.59 11.18 2.13
C SER A 189 5.88 12.49 1.78
N TRP A 190 5.18 12.47 0.62
CA TRP A 190 4.41 13.64 0.17
C TRP A 190 2.95 13.36 0.23
N GLY A 191 2.55 12.38 1.05
CA GLY A 191 1.14 12.02 1.15
C GLY A 191 0.72 11.01 0.09
N PRO A 192 -0.37 10.26 0.35
CA PRO A 192 -0.93 9.27 -0.54
C PRO A 192 -1.42 9.88 -1.86
N GLU A 193 -1.75 11.17 -1.80
CA GLU A 193 -2.25 11.82 -3.01
C GLU A 193 -1.21 12.08 -4.06
N TRP A 194 0.07 12.11 -3.69
CA TRP A 194 1.12 12.32 -4.64
C TRP A 194 1.45 11.07 -5.38
N GLY A 195 1.85 11.17 -6.67
CA GLY A 195 2.29 10.00 -7.38
C GLY A 195 1.31 8.85 -7.48
N SER A 196 1.75 7.60 -7.30
CA SER A 196 0.89 6.48 -7.40
C SER A 196 0.57 6.00 -5.98
N ASN A 197 -0.46 6.60 -5.38
CA ASN A 197 -0.85 6.26 -3.98
C ASN A 197 0.31 6.52 -3.01
N GLY A 198 1.13 7.49 -3.39
CA GLY A 198 2.26 7.89 -2.54
C GLY A 198 3.55 7.26 -2.94
N TYR A 199 3.56 6.36 -3.92
CA TYR A 199 4.72 5.61 -4.37
C TYR A 199 5.15 6.03 -5.76
N VAL A 200 6.36 5.64 -6.10
CA VAL A 200 6.89 5.93 -7.47
C VAL A 200 7.74 4.73 -7.84
N LYS A 201 7.67 4.33 -9.17
CA LYS A 201 8.51 3.25 -9.68
C LYS A 201 9.70 3.94 -10.32
N ILE A 202 10.90 3.70 -9.85
CA ILE A 202 12.05 4.36 -10.45
C ILE A 202 12.82 3.36 -11.28
N ALA A 203 13.28 3.83 -12.50
CA ALA A 203 13.98 2.86 -13.37
C ALA A 203 15.12 2.22 -12.66
N LYS A 204 15.24 0.87 -12.78
CA LYS A 204 16.22 0.03 -12.13
C LYS A 204 17.22 -0.57 -13.15
N ASP A 205 18.48 -0.70 -12.72
CA ASP A 205 19.61 -1.23 -13.45
C ASP A 205 19.85 -0.40 -14.71
N LYS A 206 19.63 0.90 -14.60
CA LYS A 206 19.86 1.90 -15.68
C LYS A 206 20.86 2.90 -15.17
N ASN A 207 22.05 2.39 -14.81
CA ASN A 207 23.14 3.22 -14.32
C ASN A 207 22.85 4.02 -13.07
N ASN A 208 22.21 3.34 -12.11
CA ASN A 208 21.96 4.00 -10.81
C ASN A 208 21.19 5.31 -10.99
N HIS A 209 20.05 5.21 -11.68
CA HIS A 209 19.25 6.36 -12.04
C HIS A 209 18.78 7.14 -10.81
N CYS A 210 18.93 8.41 -10.87
CA CYS A 210 18.61 9.36 -9.79
C CYS A 210 19.36 9.05 -8.49
N GLY A 211 20.44 8.26 -8.56
CA GLY A 211 21.25 8.02 -7.36
C GLY A 211 20.67 7.07 -6.33
N ILE A 212 19.64 6.27 -6.70
N ILE A 212 19.58 6.18 -6.66
CA ILE A 212 18.99 5.41 -5.70
CA ILE A 212 18.98 5.37 -5.57
C ILE A 212 19.94 4.49 -4.91
C ILE A 212 20.00 4.49 -4.84
N ALA A 213 21.06 4.02 -5.53
CA ALA A 213 22.01 3.15 -4.83
C ALA A 213 23.25 3.92 -4.38
N THR A 214 23.27 5.28 -4.45
CA THR A 214 24.47 6.04 -4.01
C THR A 214 24.67 6.10 -2.50
N ALA A 215 23.58 6.21 -1.73
CA ALA A 215 23.69 6.39 -0.28
C ALA A 215 22.59 5.64 0.43
N ALA A 216 22.60 4.32 0.32
CA ALA A 216 21.56 3.47 0.90
C ALA A 216 22.02 2.87 2.20
N SER A 217 21.10 2.73 3.15
CA SER A 217 21.45 2.14 4.42
C SER A 217 20.24 1.60 5.15
N TYR A 218 20.44 0.80 6.20
CA TYR A 218 19.36 0.31 7.03
C TYR A 218 19.78 0.16 8.47
N PRO A 219 18.92 0.35 9.43
CA PRO A 219 19.28 0.20 10.85
C PRO A 219 19.51 -1.22 11.26
N ASN A 220 20.40 -1.43 12.26
CA ASN A 220 20.58 -2.78 12.79
C ASN A 220 19.79 -2.90 14.04
N VAL A 221 18.76 -3.76 14.09
CA VAL A 221 17.93 -3.84 15.30
C VAL A 221 18.23 -5.08 16.15
N LEU B 1 -22.41 8.19 12.68
CA LEU B 1 -21.32 7.68 11.83
C LEU B 1 -20.37 8.79 11.39
N PRO B 2 -19.07 8.51 11.14
CA PRO B 2 -18.10 9.50 10.70
C PRO B 2 -18.51 10.10 9.32
N LYS B 3 -18.18 11.35 9.00
CA LYS B 3 -18.55 11.97 7.75
C LYS B 3 -17.74 11.31 6.63
N SER B 4 -16.64 10.64 7.02
CA SER B 4 -15.85 9.97 6.01
C SER B 4 -14.94 8.95 6.63
N VAL B 5 -14.51 7.99 5.80
CA VAL B 5 -13.74 6.88 6.24
C VAL B 5 -12.78 6.54 5.13
N ASP B 6 -11.56 6.23 5.52
CA ASP B 6 -10.55 5.74 4.57
C ASP B 6 -9.67 4.72 5.24
N TRP B 7 -10.00 3.42 5.09
CA TRP B 7 -9.30 2.34 5.72
C TRP B 7 -7.84 2.24 5.24
N ARG B 8 -7.52 2.84 4.09
CA ARG B 8 -6.12 2.78 3.64
C ARG B 8 -5.20 3.48 4.63
N LYS B 9 -5.72 4.50 5.30
CA LYS B 9 -4.87 5.26 6.24
C LYS B 9 -4.66 4.49 7.52
N LYS B 10 -5.42 3.41 7.78
CA LYS B 10 -5.31 2.66 9.01
C LYS B 10 -4.59 1.30 8.89
N GLY B 11 -3.97 1.02 7.71
CA GLY B 11 -3.21 -0.22 7.54
C GLY B 11 -3.97 -1.46 7.09
N TYR B 12 -5.26 -1.27 6.71
CA TYR B 12 -6.14 -2.39 6.28
C TYR B 12 -6.07 -2.83 4.83
N VAL B 13 -5.37 -2.05 3.99
CA VAL B 13 -5.43 -2.29 2.54
C VAL B 13 -4.08 -2.49 1.88
N THR B 14 -3.94 -3.60 1.15
CA THR B 14 -2.74 -3.95 0.37
C THR B 14 -2.67 -3.10 -0.88
N PRO B 15 -1.55 -3.05 -1.59
CA PRO B 15 -1.45 -2.25 -2.81
C PRO B 15 -2.45 -2.69 -3.86
N VAL B 16 -2.70 -1.82 -4.83
CA VAL B 16 -3.56 -2.19 -5.96
C VAL B 16 -2.97 -3.33 -6.76
N LYS B 17 -3.78 -4.31 -7.10
CA LYS B 17 -3.36 -5.50 -7.84
C LYS B 17 -3.96 -5.45 -9.25
N ASN B 18 -3.62 -6.42 -10.09
CA ASN B 18 -4.12 -6.43 -11.48
C ASN B 18 -4.49 -7.82 -11.88
N GLN B 19 -5.81 -8.02 -12.11
CA GLN B 19 -6.32 -9.32 -12.54
C GLN B 19 -5.92 -9.70 -13.95
N LYS B 20 -5.49 -8.74 -14.74
CA LYS B 20 -5.11 -8.96 -16.12
C LYS B 20 -6.23 -9.64 -16.91
N GLN B 21 -5.91 -10.56 -17.84
CA GLN B 21 -6.96 -11.05 -18.75
C GLN B 21 -7.54 -12.31 -18.24
N CYS B 22 -8.23 -12.16 -17.12
CA CYS B 22 -8.84 -13.25 -16.40
C CYS B 22 -10.04 -12.65 -15.66
N GLY B 23 -11.24 -13.27 -15.73
CA GLY B 23 -12.43 -12.72 -15.06
C GLY B 23 -12.47 -13.09 -13.60
N SER B 24 -11.44 -12.65 -12.88
CA SER B 24 -11.26 -13.04 -11.49
C SER B 24 -11.48 -11.91 -10.52
N ALA B 25 -12.18 -10.83 -10.90
CA ALA B 25 -12.33 -9.72 -9.92
C ALA B 25 -12.99 -10.18 -8.64
N TRP B 26 -13.84 -11.22 -8.70
CA TRP B 26 -14.47 -11.73 -7.49
C TRP B 26 -13.43 -12.19 -6.50
N ALA B 27 -12.32 -12.75 -7.01
CA ALA B 27 -11.29 -13.24 -6.11
C ALA B 27 -10.51 -12.10 -5.50
N PHE B 28 -10.31 -11.00 -6.27
CA PHE B 28 -9.60 -9.83 -5.75
C PHE B 28 -10.43 -9.12 -4.73
N SER B 29 -11.72 -9.08 -4.98
CA SER B 29 -12.60 -8.44 -4.00
C SER B 29 -12.63 -9.24 -2.71
N ALA B 30 -12.67 -10.57 -2.80
CA ALA B 30 -12.69 -11.43 -1.60
C ALA B 30 -11.37 -11.34 -0.83
N THR B 31 -10.21 -11.41 -1.55
CA THR B 31 -8.98 -11.28 -0.79
C THR B 31 -8.85 -9.92 -0.15
N GLY B 32 -9.37 -8.85 -0.83
CA GLY B 32 -9.27 -7.51 -0.24
C GLY B 32 -10.05 -7.44 1.07
N ALA B 33 -11.24 -8.04 1.10
CA ALA B 33 -12.00 -7.98 2.35
C ALA B 33 -11.39 -8.86 3.41
N LEU B 34 -10.89 -10.04 3.02
CA LEU B 34 -10.23 -10.91 4.00
C LEU B 34 -8.93 -10.30 4.54
N GLU B 35 -8.22 -9.55 3.67
CA GLU B 35 -6.99 -8.90 4.13
C GLU B 35 -7.31 -7.89 5.20
N GLY B 36 -8.40 -7.15 5.04
CA GLY B 36 -8.73 -6.15 6.04
C GLY B 36 -9.19 -6.80 7.33
N GLN B 37 -9.96 -7.90 7.25
CA GLN B 37 -10.42 -8.52 8.50
C GLN B 37 -9.30 -9.23 9.20
N MET B 38 -8.35 -9.88 8.48
CA MET B 38 -7.22 -10.50 9.15
C MET B 38 -6.34 -9.45 9.77
N PHE B 39 -6.17 -8.28 9.13
CA PHE B 39 -5.39 -7.23 9.76
C PHE B 39 -6.07 -6.73 11.04
N ARG B 40 -7.38 -6.59 11.00
CA ARG B 40 -8.10 -6.13 12.22
C ARG B 40 -7.93 -7.10 13.36
N LYS B 41 -7.81 -8.41 13.05
CA LYS B 41 -7.65 -9.41 14.08
C LYS B 41 -6.24 -9.58 14.59
N THR B 42 -5.20 -9.42 13.73
CA THR B 42 -3.84 -9.69 14.15
C THR B 42 -2.89 -8.52 14.11
N GLY B 43 -3.27 -7.43 13.43
CA GLY B 43 -2.31 -6.33 13.28
C GLY B 43 -1.31 -6.54 12.15
N LYS B 44 -1.39 -7.66 11.37
CA LYS B 44 -0.50 -7.92 10.29
C LYS B 44 -1.24 -7.87 8.97
N LEU B 45 -0.73 -7.03 8.09
CA LEU B 45 -1.31 -6.90 6.73
C LEU B 45 -0.58 -7.79 5.75
N VAL B 46 -1.19 -8.90 5.31
CA VAL B 46 -0.54 -9.85 4.45
C VAL B 46 -1.34 -10.13 3.19
N SER B 47 -0.72 -9.92 2.05
CA SER B 47 -1.44 -10.17 0.79
C SER B 47 -1.79 -11.65 0.65
N LEU B 48 -3.07 -11.87 0.23
CA LEU B 48 -3.61 -13.23 0.08
C LEU B 48 -3.66 -13.66 -1.36
N SER B 49 -3.71 -14.97 -1.60
CA SER B 49 -3.64 -15.52 -2.94
C SER B 49 -4.93 -15.61 -3.74
N GLU B 50 -5.10 -14.70 -4.69
CA GLU B 50 -6.24 -14.81 -5.58
C GLU B 50 -6.12 -16.07 -6.43
N GLN B 51 -4.87 -16.49 -6.76
CA GLN B 51 -4.74 -17.68 -7.57
C GLN B 51 -5.25 -18.92 -6.84
N ASN B 52 -5.08 -18.94 -5.51
CA ASN B 52 -5.58 -20.07 -4.71
C ASN B 52 -7.10 -20.12 -4.87
N LEU B 53 -7.75 -18.96 -4.87
CA LEU B 53 -9.20 -18.94 -5.06
C LEU B 53 -9.57 -19.34 -6.47
N VAL B 54 -8.86 -18.83 -7.49
CA VAL B 54 -9.21 -19.18 -8.87
C VAL B 54 -9.07 -20.68 -9.10
N ASP B 55 -7.98 -21.28 -8.65
CA ASP B 55 -7.73 -22.71 -8.92
C ASP B 55 -8.50 -23.69 -8.07
N CYS B 56 -8.86 -23.29 -6.84
CA CYS B 56 -9.42 -24.27 -5.90
C CYS B 56 -10.87 -24.17 -5.51
N SER B 57 -11.62 -23.13 -5.90
CA SER B 57 -12.98 -23.01 -5.37
C SER B 57 -14.08 -23.40 -6.34
N ARG B 58 -13.73 -24.19 -7.37
CA ARG B 58 -14.77 -24.68 -8.27
C ARG B 58 -15.83 -25.50 -7.46
N PRO B 59 -15.45 -26.32 -6.48
CA PRO B 59 -16.48 -27.07 -5.77
C PRO B 59 -17.53 -26.21 -5.14
N GLN B 60 -17.18 -24.98 -4.72
CA GLN B 60 -18.11 -24.04 -4.10
C GLN B 60 -18.94 -23.24 -5.13
N GLY B 61 -18.72 -23.49 -6.43
CA GLY B 61 -19.52 -22.84 -7.45
C GLY B 61 -18.84 -21.69 -8.17
N ASN B 62 -17.57 -21.42 -7.84
CA ASN B 62 -16.85 -20.39 -8.62
C ASN B 62 -16.36 -20.97 -9.94
N GLN B 63 -16.05 -20.10 -10.93
CA GLN B 63 -15.61 -20.60 -12.22
C GLN B 63 -14.31 -19.97 -12.66
N GLY B 64 -13.44 -19.67 -11.69
CA GLY B 64 -12.10 -19.19 -12.04
C GLY B 64 -12.08 -17.94 -12.88
N CYS B 65 -11.39 -17.98 -14.07
CA CYS B 65 -11.29 -16.83 -14.94
C CYS B 65 -12.62 -16.56 -15.65
N ASN B 66 -13.58 -17.47 -15.45
CA ASN B 66 -14.91 -17.28 -16.05
C ASN B 66 -15.87 -16.61 -15.13
N GLY B 67 -15.43 -16.17 -13.98
CA GLY B 67 -16.31 -15.48 -13.05
C GLY B 67 -16.53 -16.26 -11.76
N GLY B 68 -17.18 -15.60 -10.80
CA GLY B 68 -17.39 -16.22 -9.50
C GLY B 68 -18.04 -15.23 -8.55
N PHE B 69 -18.06 -15.61 -7.27
CA PHE B 69 -18.73 -14.78 -6.29
C PHE B 69 -17.88 -14.67 -5.01
N MET B 70 -17.84 -13.45 -4.44
CA MET B 70 -17.06 -13.27 -3.21
C MET B 70 -17.62 -14.19 -2.09
N ALA B 71 -18.96 -14.34 -1.97
CA ALA B 71 -19.41 -15.21 -0.92
C ALA B 71 -18.98 -16.65 -1.10
N ARG B 72 -18.90 -17.19 -2.36
CA ARG B 72 -18.46 -18.54 -2.56
C ARG B 72 -16.98 -18.64 -2.19
N ALA B 73 -16.24 -17.52 -2.46
CA ALA B 73 -14.89 -17.57 -2.02
C ALA B 73 -14.73 -17.63 -0.51
N PHE B 74 -15.53 -16.84 0.26
CA PHE B 74 -15.42 -16.95 1.72
C PHE B 74 -15.87 -18.36 2.14
N GLN B 75 -16.83 -18.96 1.41
CA GLN B 75 -17.27 -20.34 1.75
C GLN B 75 -16.14 -21.32 1.52
N TYR B 76 -15.37 -21.15 0.40
CA TYR B 76 -14.27 -22.02 0.21
C TYR B 76 -13.22 -21.91 1.33
N VAL B 77 -12.91 -20.66 1.79
CA VAL B 77 -11.89 -20.52 2.84
C VAL B 77 -12.37 -21.28 4.09
N LYS B 78 -13.69 -21.20 4.33
CA LYS B 78 -14.24 -21.88 5.52
C LYS B 78 -14.19 -23.36 5.38
N GLU B 79 -14.67 -23.89 4.24
CA GLU B 79 -14.63 -25.36 4.06
C GLU B 79 -13.21 -25.93 3.96
N ASN B 80 -12.26 -25.15 3.39
CA ASN B 80 -10.90 -25.59 3.22
C ASN B 80 -10.06 -25.50 4.46
N GLY B 81 -10.49 -24.68 5.42
CA GLY B 81 -9.70 -24.48 6.63
C GLY B 81 -8.57 -23.47 6.49
N GLY B 82 -8.50 -22.76 5.35
CA GLY B 82 -7.41 -21.79 5.20
C GLY B 82 -7.32 -21.24 3.78
N LEU B 83 -6.39 -20.28 3.63
CA LEU B 83 -6.08 -19.62 2.33
C LEU B 83 -4.61 -19.24 2.37
N ASP B 84 -3.89 -19.57 1.29
CA ASP B 84 -2.46 -19.27 1.19
C ASP B 84 -2.12 -17.82 0.92
N SER B 85 -0.94 -17.40 1.36
CA SER B 85 -0.43 -16.04 1.07
C SER B 85 -0.16 -15.91 -0.45
N GLU B 86 -0.26 -14.66 -0.94
CA GLU B 86 0.11 -14.41 -2.33
C GLU B 86 1.55 -14.79 -2.55
N GLU B 87 2.43 -14.56 -1.56
CA GLU B 87 3.83 -14.91 -1.75
C GLU B 87 4.03 -16.37 -2.01
N SER B 88 3.30 -17.24 -1.30
CA SER B 88 3.49 -18.66 -1.50
C SER B 88 2.78 -19.21 -2.72
N TYR B 89 1.72 -18.51 -3.17
CA TYR B 89 0.83 -19.02 -4.26
C TYR B 89 0.61 -17.85 -5.18
N PRO B 90 1.58 -17.54 -6.01
CA PRO B 90 1.51 -16.37 -6.92
C PRO B 90 0.43 -16.37 -8.02
N TYR B 91 0.03 -15.13 -8.40
CA TYR B 91 -0.97 -14.95 -9.43
C TYR B 91 -0.47 -14.95 -10.84
N VAL B 92 -1.05 -15.81 -11.70
CA VAL B 92 -0.62 -15.86 -13.11
C VAL B 92 -1.74 -15.57 -14.10
N ALA B 93 -2.95 -15.21 -13.58
CA ALA B 93 -4.09 -14.78 -14.42
C ALA B 93 -4.60 -15.79 -15.42
N VAL B 94 -4.57 -17.07 -15.05
N VAL B 94 -4.56 -17.08 -15.00
CA VAL B 94 -5.14 -18.13 -15.90
CA VAL B 94 -5.02 -18.18 -15.84
C VAL B 94 -5.64 -19.22 -14.95
C VAL B 94 -5.60 -19.26 -14.92
N ASP B 95 -6.56 -20.04 -15.40
CA ASP B 95 -7.05 -21.13 -14.58
C ASP B 95 -6.03 -22.28 -14.53
N GLU B 96 -5.65 -22.68 -13.34
CA GLU B 96 -4.67 -23.74 -13.14
C GLU B 96 -5.14 -24.75 -12.12
N ILE B 97 -4.40 -25.84 -12.02
CA ILE B 97 -4.74 -26.89 -11.05
C ILE B 97 -4.46 -26.41 -9.64
N CYS B 98 -5.33 -26.78 -8.69
N CYS B 98 -5.31 -26.82 -8.70
CA CYS B 98 -5.17 -26.39 -7.30
CA CYS B 98 -5.17 -26.44 -7.30
C CYS B 98 -3.85 -26.84 -6.69
C CYS B 98 -3.83 -26.86 -6.71
N LYS B 99 -3.15 -25.92 -5.98
CA LYS B 99 -1.87 -26.20 -5.35
C LYS B 99 -1.87 -25.79 -3.90
N TYR B 100 -3.04 -25.75 -3.28
CA TYR B 100 -3.13 -25.30 -1.90
C TYR B 100 -2.34 -26.15 -0.92
N ARG B 101 -1.63 -25.50 0.00
CA ARG B 101 -0.90 -26.18 1.08
C ARG B 101 -1.28 -25.58 2.41
N PRO B 102 -1.76 -26.37 3.38
CA PRO B 102 -2.11 -25.81 4.67
C PRO B 102 -0.93 -25.13 5.36
N GLU B 103 0.31 -25.61 5.13
CA GLU B 103 1.50 -25.03 5.78
C GLU B 103 1.68 -23.59 5.35
N ASN B 104 1.09 -23.22 4.16
CA ASN B 104 1.24 -21.85 3.66
C ASN B 104 0.07 -20.95 3.95
N SER B 105 -0.92 -21.46 4.69
CA SER B 105 -2.09 -20.65 5.00
C SER B 105 -1.77 -19.54 5.97
N VAL B 106 -2.37 -18.38 5.74
CA VAL B 106 -2.20 -17.21 6.59
C VAL B 106 -3.54 -16.58 6.89
N ALA B 107 -4.63 -17.26 6.50
CA ALA B 107 -5.95 -16.70 6.79
C ALA B 107 -7.01 -17.78 6.94
N GLN B 108 -8.05 -17.44 7.72
CA GLN B 108 -9.19 -18.35 7.92
C GLN B 108 -10.46 -17.54 8.07
N ASP B 109 -11.61 -18.16 7.79
CA ASP B 109 -12.87 -17.48 8.09
C ASP B 109 -13.90 -18.58 8.44
N THR B 110 -14.95 -18.15 9.08
CA THR B 110 -15.98 -19.08 9.58
C THR B 110 -17.26 -18.94 8.81
N GLY B 111 -17.21 -18.16 7.77
CA GLY B 111 -18.35 -17.85 6.95
C GLY B 111 -18.30 -16.38 6.60
N PHE B 112 -19.45 -15.76 6.35
CA PHE B 112 -19.51 -14.39 5.97
C PHE B 112 -20.81 -13.75 6.39
N THR B 113 -20.83 -12.44 6.41
CA THR B 113 -21.99 -11.59 6.72
C THR B 113 -22.45 -10.80 5.52
N VAL B 114 -23.75 -10.83 5.20
CA VAL B 114 -24.29 -10.07 4.12
C VAL B 114 -24.85 -8.78 4.64
N VAL B 115 -24.56 -7.68 3.99
CA VAL B 115 -25.09 -6.35 4.31
C VAL B 115 -26.50 -6.33 3.78
N ALA B 116 -27.41 -5.55 4.44
CA ALA B 116 -28.79 -5.60 3.92
C ALA B 116 -28.81 -5.19 2.47
N PRO B 117 -29.40 -6.05 1.59
CA PRO B 117 -29.40 -5.67 0.18
C PRO B 117 -30.06 -4.38 -0.21
N GLY B 118 -29.38 -3.64 -1.10
CA GLY B 118 -29.92 -2.40 -1.63
C GLY B 118 -29.87 -1.24 -0.67
N LYS B 119 -29.39 -1.43 0.57
CA LYS B 119 -29.44 -0.32 1.50
C LYS B 119 -28.09 0.36 1.72
N GLU B 120 -27.93 1.50 1.08
CA GLU B 120 -26.67 2.26 1.21
C GLU B 120 -26.39 2.68 2.64
N LYS B 121 -27.42 2.94 3.51
CA LYS B 121 -27.01 3.33 4.83
C LYS B 121 -26.54 2.14 5.61
N ALA B 122 -26.98 0.91 5.28
CA ALA B 122 -26.51 -0.31 5.91
C ALA B 122 -25.07 -0.47 5.48
N LEU B 123 -24.80 -0.22 4.20
CA LEU B 123 -23.40 -0.33 3.72
C LEU B 123 -22.51 0.69 4.38
N MET B 124 -23.00 1.93 4.54
CA MET B 124 -22.18 2.95 5.20
C MET B 124 -21.85 2.53 6.62
N LYS B 125 -22.85 1.92 7.32
CA LYS B 125 -22.58 1.47 8.66
C LYS B 125 -21.56 0.34 8.72
N ALA B 126 -21.59 -0.57 7.73
CA ALA B 126 -20.65 -1.67 7.74
C ALA B 126 -19.25 -1.14 7.39
N VAL B 127 -19.17 -0.22 6.41
CA VAL B 127 -17.84 0.34 6.07
C VAL B 127 -17.25 1.08 7.26
N ALA B 128 -18.11 1.80 8.04
CA ALA B 128 -17.54 2.54 9.16
C ALA B 128 -17.15 1.69 10.36
N THR B 129 -17.83 0.54 10.58
CA THR B 129 -17.56 -0.27 11.77
C THR B 129 -16.81 -1.60 11.58
N VAL B 130 -16.68 -2.13 10.32
CA VAL B 130 -16.05 -3.41 10.09
C VAL B 130 -14.72 -3.27 9.40
N GLY B 131 -14.67 -2.43 8.39
CA GLY B 131 -13.44 -2.32 7.57
C GLY B 131 -13.86 -2.42 6.12
N PRO B 132 -12.94 -2.72 5.19
CA PRO B 132 -13.31 -2.80 3.75
C PRO B 132 -14.37 -3.86 3.50
N ILE B 133 -15.27 -3.57 2.53
CA ILE B 133 -16.39 -4.47 2.26
C ILE B 133 -16.38 -4.89 0.79
N SER B 134 -16.59 -6.18 0.57
CA SER B 134 -16.73 -6.68 -0.80
C SER B 134 -18.03 -6.28 -1.40
N VAL B 135 -18.05 -5.81 -2.61
CA VAL B 135 -19.30 -5.43 -3.29
C VAL B 135 -19.21 -5.75 -4.76
N ALA B 136 -20.39 -5.90 -5.36
CA ALA B 136 -20.54 -6.09 -6.80
C ALA B 136 -21.10 -4.80 -7.41
N MET B 137 -20.75 -4.54 -8.66
CA MET B 137 -21.22 -3.34 -9.32
C MET B 137 -21.40 -3.60 -10.81
N ASP B 138 -22.15 -2.69 -11.45
CA ASP B 138 -22.29 -2.69 -12.88
C ASP B 138 -21.14 -1.86 -13.43
N ALA B 139 -20.08 -2.54 -13.92
CA ALA B 139 -18.95 -1.84 -14.57
C ALA B 139 -18.98 -1.95 -16.08
N GLY B 140 -20.11 -2.39 -16.63
CA GLY B 140 -20.25 -2.64 -18.05
C GLY B 140 -20.54 -1.45 -18.92
N HIS B 141 -19.75 -0.42 -18.76
CA HIS B 141 -19.90 0.82 -19.55
C HIS B 141 -18.54 1.41 -19.87
N SER B 142 -18.39 1.98 -21.05
CA SER B 142 -17.13 2.53 -21.44
C SER B 142 -16.68 3.66 -20.54
N SER B 143 -17.59 4.36 -19.94
CA SER B 143 -17.26 5.45 -19.03
C SER B 143 -16.47 4.92 -17.82
N PHE B 144 -16.72 3.65 -17.42
CA PHE B 144 -15.96 3.11 -16.28
C PHE B 144 -14.59 2.68 -16.75
N GLN B 145 -14.45 2.11 -17.95
CA GLN B 145 -13.18 1.72 -18.47
C GLN B 145 -12.24 2.92 -18.59
N PHE B 146 -12.80 4.09 -18.93
CA PHE B 146 -11.99 5.29 -19.18
C PHE B 146 -12.03 6.28 -18.07
N TYR B 147 -12.56 5.88 -16.95
CA TYR B 147 -12.60 6.77 -15.77
C TYR B 147 -11.23 7.23 -15.33
N LYS B 148 -11.10 8.51 -14.99
CA LYS B 148 -9.81 8.98 -14.48
C LYS B 148 -9.87 9.68 -13.14
N SER B 149 -10.88 10.51 -12.90
CA SER B 149 -10.95 11.23 -11.64
C SER B 149 -12.30 11.78 -11.39
N GLY B 150 -12.56 12.24 -10.15
CA GLY B 150 -13.85 12.78 -9.82
C GLY B 150 -14.85 11.74 -9.40
N ILE B 151 -16.12 12.15 -9.21
CA ILE B 151 -17.13 11.22 -8.80
C ILE B 151 -17.76 10.57 -9.98
N TYR B 152 -17.60 9.25 -10.06
CA TYR B 152 -18.20 8.51 -11.17
C TYR B 152 -19.72 8.42 -11.06
N PHE B 153 -20.40 8.85 -12.14
CA PHE B 153 -21.83 8.77 -12.27
C PHE B 153 -22.16 8.43 -13.69
N GLU B 154 -22.72 7.25 -13.88
CA GLU B 154 -23.10 6.81 -15.19
C GLU B 154 -24.60 6.68 -15.27
N PRO B 155 -25.24 7.53 -16.06
CA PRO B 155 -26.71 7.46 -16.19
C PRO B 155 -27.29 6.13 -16.60
N ASP B 156 -26.56 5.38 -17.41
CA ASP B 156 -27.07 4.05 -17.85
C ASP B 156 -26.77 2.92 -16.86
N CYS B 157 -26.22 3.26 -15.65
CA CYS B 157 -25.87 2.18 -14.74
C CYS B 157 -27.05 1.41 -14.18
N SER B 158 -26.86 0.13 -14.03
CA SER B 158 -27.85 -0.74 -13.41
C SER B 158 -27.48 -1.01 -11.94
N SER B 159 -28.50 -1.10 -11.07
CA SER B 159 -28.27 -1.43 -9.68
C SER B 159 -28.67 -2.88 -9.47
N LYS B 160 -29.07 -3.59 -10.56
CA LYS B 160 -29.55 -4.97 -10.43
C LYS B 160 -28.74 -5.98 -11.16
N ASN B 161 -28.23 -5.58 -12.32
CA ASN B 161 -27.47 -6.48 -13.16
C ASN B 161 -26.03 -6.06 -13.05
N LEU B 162 -25.32 -6.82 -12.25
CA LEU B 162 -23.91 -6.54 -11.88
C LEU B 162 -22.97 -7.51 -12.52
N ASP B 163 -21.75 -7.05 -12.79
CA ASP B 163 -20.82 -7.89 -13.48
C ASP B 163 -19.39 -7.81 -12.98
N HIS B 164 -19.13 -7.08 -11.87
CA HIS B 164 -17.74 -6.89 -11.45
C HIS B 164 -17.62 -6.74 -9.94
N GLY B 165 -16.73 -7.52 -9.33
CA GLY B 165 -16.51 -7.38 -7.90
C GLY B 165 -15.40 -6.39 -7.62
N VAL B 166 -15.63 -5.53 -6.61
CA VAL B 166 -14.67 -4.47 -6.19
C VAL B 166 -14.67 -4.42 -4.64
N LEU B 167 -13.92 -3.49 -4.06
CA LEU B 167 -13.80 -3.39 -2.60
C LEU B 167 -14.03 -1.99 -2.17
N VAL B 168 -15.04 -1.77 -1.29
CA VAL B 168 -15.26 -0.41 -0.76
C VAL B 168 -14.32 -0.24 0.46
N VAL B 169 -13.39 0.70 0.35
CA VAL B 169 -12.43 0.93 1.46
C VAL B 169 -12.76 2.16 2.23
N GLY B 170 -13.86 2.82 1.89
CA GLY B 170 -14.20 4.06 2.61
C GLY B 170 -15.28 4.82 1.90
N TYR B 171 -15.51 6.06 2.35
CA TYR B 171 -16.49 6.91 1.73
C TYR B 171 -16.17 8.32 2.15
N GLY B 172 -16.74 9.28 1.46
CA GLY B 172 -16.45 10.67 1.81
C GLY B 172 -17.30 11.62 1.00
N PHE B 173 -16.82 12.83 0.85
CA PHE B 173 -17.56 13.83 0.09
C PHE B 173 -16.61 14.87 -0.47
N GLU B 174 -16.93 15.42 -1.64
CA GLU B 174 -16.15 16.49 -2.22
C GLU B 174 -16.76 17.80 -1.81
N GLY B 175 -15.95 18.85 -1.73
CA GLY B 175 -16.45 20.15 -1.31
C GLY B 175 -16.47 20.28 0.19
N ALA B 176 -16.96 21.42 0.72
CA ALA B 176 -16.97 21.60 2.17
C ALA B 176 -18.21 21.08 2.89
N ASN B 177 -19.25 20.64 2.16
CA ASN B 177 -20.44 20.13 2.84
C ASN B 177 -20.43 18.63 2.89
N SER B 178 -20.51 18.06 4.09
CA SER B 178 -20.45 16.61 4.25
C SER B 178 -21.61 15.87 3.60
N GLN B 179 -22.74 16.54 3.34
CA GLN B 179 -23.86 15.86 2.73
C GLN B 179 -23.98 16.12 1.22
N ASN B 180 -23.02 16.84 0.57
CA ASN B 180 -23.20 17.02 -0.87
C ASN B 180 -21.98 16.51 -1.60
N SER B 181 -22.21 15.87 -2.76
CA SER B 181 -21.18 15.25 -3.56
C SER B 181 -20.53 14.12 -2.79
N LYS B 182 -21.35 13.24 -2.25
CA LYS B 182 -20.83 12.10 -1.51
C LYS B 182 -20.35 11.00 -2.43
N TYR B 183 -19.42 10.21 -1.94
CA TYR B 183 -18.95 9.08 -2.78
C TYR B 183 -18.47 7.90 -1.97
N TRP B 184 -18.45 6.72 -2.62
CA TRP B 184 -17.86 5.51 -2.08
C TRP B 184 -16.44 5.46 -2.60
N LEU B 185 -15.46 5.16 -1.71
CA LEU B 185 -14.07 5.01 -2.12
C LEU B 185 -13.86 3.54 -2.44
N VAL B 186 -13.59 3.25 -3.75
CA VAL B 186 -13.50 1.87 -4.25
C VAL B 186 -12.14 1.51 -4.85
N LYS B 187 -11.63 0.38 -4.37
CA LYS B 187 -10.39 -0.26 -4.83
C LYS B 187 -10.78 -1.22 -5.95
N ASN B 188 -10.18 -1.02 -7.13
CA ASN B 188 -10.43 -1.91 -8.28
C ASN B 188 -9.24 -2.85 -8.43
N SER B 189 -9.31 -3.80 -9.33
CA SER B 189 -8.21 -4.75 -9.56
C SER B 189 -7.76 -4.70 -11.04
N TRP B 190 -7.60 -3.51 -11.57
CA TRP B 190 -7.15 -3.36 -12.93
C TRP B 190 -5.81 -2.68 -12.98
N GLY B 191 -5.06 -2.75 -11.86
CA GLY B 191 -3.74 -2.17 -11.77
C GLY B 191 -3.82 -0.70 -11.41
N PRO B 192 -2.67 -0.11 -10.96
CA PRO B 192 -2.58 1.27 -10.59
C PRO B 192 -2.68 2.27 -11.71
N GLU B 193 -2.50 1.77 -12.94
CA GLU B 193 -2.58 2.71 -14.06
C GLU B 193 -4.02 3.08 -14.42
N TRP B 194 -4.99 2.20 -14.10
CA TRP B 194 -6.41 2.47 -14.37
C TRP B 194 -6.96 3.47 -13.39
N GLY B 195 -7.92 4.31 -13.84
CA GLY B 195 -8.62 5.22 -12.94
C GLY B 195 -7.77 6.17 -12.14
N SER B 196 -8.14 6.38 -10.90
CA SER B 196 -7.39 7.26 -10.01
C SER B 196 -6.38 6.41 -9.24
N ASN B 197 -5.27 6.09 -9.91
CA ASN B 197 -4.22 5.23 -9.39
C ASN B 197 -4.82 3.93 -8.84
N GLY B 198 -5.75 3.39 -9.62
CA GLY B 198 -6.36 2.13 -9.27
C GLY B 198 -7.65 2.16 -8.50
N TYR B 199 -8.05 3.38 -8.07
CA TYR B 199 -9.25 3.61 -7.28
C TYR B 199 -10.28 4.39 -8.05
N VAL B 200 -11.51 4.34 -7.58
CA VAL B 200 -12.57 5.14 -8.16
C VAL B 200 -13.52 5.65 -7.06
N LYS B 201 -14.00 6.89 -7.22
CA LYS B 201 -15.00 7.41 -6.31
C LYS B 201 -16.38 7.20 -7.01
N ILE B 202 -17.25 6.40 -6.43
CA ILE B 202 -18.55 6.18 -7.07
C ILE B 202 -19.59 6.99 -6.35
N ALA B 203 -20.48 7.59 -7.08
CA ALA B 203 -21.49 8.44 -6.42
C ALA B 203 -22.23 7.68 -5.34
N LYS B 204 -22.41 8.35 -4.16
CA LYS B 204 -23.02 7.74 -3.00
C LYS B 204 -24.32 8.42 -2.64
N ASP B 205 -25.24 7.62 -2.18
CA ASP B 205 -26.59 8.03 -1.80
C ASP B 205 -27.30 8.64 -2.98
N LYS B 206 -27.07 8.05 -4.14
CA LYS B 206 -27.73 8.48 -5.35
C LYS B 206 -28.42 7.24 -5.88
N ASN B 207 -29.29 6.69 -5.03
CA ASN B 207 -30.10 5.55 -5.40
C ASN B 207 -29.34 4.28 -5.68
N ASN B 208 -28.39 3.95 -4.82
CA ASN B 208 -27.61 2.69 -5.02
C ASN B 208 -26.99 2.65 -6.40
N HIS B 209 -26.26 3.70 -6.72
CA HIS B 209 -25.72 3.84 -8.05
C HIS B 209 -24.78 2.70 -8.38
N CYS B 210 -24.98 2.13 -9.58
CA CYS B 210 -24.21 1.03 -10.14
C CYS B 210 -24.30 -0.22 -9.26
N GLY B 211 -25.30 -0.27 -8.31
CA GLY B 211 -25.55 -1.47 -7.51
C GLY B 211 -24.52 -1.71 -6.40
N ILE B 212 -23.82 -0.64 -5.98
N ILE B 212 -23.75 -0.68 -5.99
CA ILE B 212 -22.76 -0.82 -4.96
CA ILE B 212 -22.72 -1.05 -5.00
C ILE B 212 -23.25 -1.48 -3.66
C ILE B 212 -23.26 -1.60 -3.68
N ALA B 213 -24.51 -1.22 -3.30
CA ALA B 213 -25.06 -1.79 -2.07
C ALA B 213 -25.95 -2.98 -2.33
N THR B 214 -26.02 -3.49 -3.58
CA THR B 214 -26.93 -4.61 -3.85
C THR B 214 -26.49 -5.95 -3.35
N ALA B 215 -25.16 -6.26 -3.41
CA ALA B 215 -24.65 -7.54 -3.00
C ALA B 215 -23.32 -7.39 -2.25
N ALA B 216 -23.38 -6.72 -1.12
CA ALA B 216 -22.20 -6.44 -0.28
C ALA B 216 -22.03 -7.47 0.81
N SER B 217 -20.78 -7.88 1.16
CA SER B 217 -20.54 -8.85 2.18
C SER B 217 -19.12 -8.77 2.70
N TYR B 218 -18.87 -9.39 3.81
CA TYR B 218 -17.51 -9.46 4.37
C TYR B 218 -17.27 -10.76 5.12
N PRO B 219 -16.09 -11.35 5.17
CA PRO B 219 -15.80 -12.59 5.86
C PRO B 219 -15.84 -12.44 7.38
N ASN B 220 -16.20 -13.51 8.13
CA ASN B 220 -16.16 -13.43 9.56
C ASN B 220 -14.91 -14.12 10.01
N VAL B 221 -13.96 -13.44 10.74
CA VAL B 221 -12.72 -14.09 11.12
C VAL B 221 -12.62 -14.33 12.62
C ACE C 1 21.09 21.51 4.81
O ACE C 1 20.21 20.72 4.47
CH3 ACE C 1 20.88 23.02 4.67
H1 ACE C 1 19.86 23.24 4.81
H2 ACE C 1 21.44 23.52 5.41
H3 ACE C 1 21.18 23.33 3.72
N VAL C 2 22.25 21.09 5.32
CA VAL C 2 22.54 19.66 5.49
C VAL C 2 22.41 18.98 4.11
N ALA C 3 21.43 18.06 3.90
CA ALA C 3 21.36 17.49 2.54
C ALA C 3 20.04 16.92 2.14
N CYS C 4 19.73 15.70 2.62
CA CYS C 4 18.44 15.17 2.20
C CYS C 4 17.39 16.10 2.82
N LYS C 5 16.36 16.48 2.04
CA LYS C 5 15.25 17.34 2.50
C LYS C 5 13.90 16.81 2.10
N GLU D 1 22.59 18.21 2.51
CA GLU D 1 21.51 17.69 3.34
C GLU D 1 20.38 17.12 2.48
N TYR D 2 19.65 16.12 3.00
CA TYR D 2 18.47 15.67 2.26
C TYR D 2 17.32 16.32 2.90
N SER D 3 16.35 16.69 2.11
CA SER D 3 15.18 17.35 2.70
C SER D 3 13.91 16.77 2.13
C ACE E 1 -19.71 -18.12 -12.21
O ACE E 1 -18.63 -18.04 -12.78
CH3 ACE E 1 -19.82 -18.82 -10.86
H1 ACE E 1 -20.11 -18.13 -10.13
H2 ACE E 1 -20.53 -19.59 -10.92
H3 ACE E 1 -18.88 -19.22 -10.60
N VAL E 2 -20.82 -17.64 -12.75
CA VAL E 2 -20.81 -16.93 -14.03
C VAL E 2 -21.32 -15.55 -13.73
N ALA E 3 -21.05 -15.10 -12.50
CA ALA E 3 -21.57 -13.81 -12.09
C ALA E 3 -20.63 -12.69 -12.25
N CYS E 4 -19.70 -12.52 -11.27
CA CYS E 4 -18.87 -11.34 -11.46
C CYS E 4 -17.54 -11.70 -11.98
N LYS E 5 -17.00 -10.80 -12.80
CA LYS E 5 -15.70 -11.02 -13.46
C LYS E 5 -14.81 -9.86 -13.25
C1 MPD F . 1.40 11.90 7.81
C2 MPD F . 1.73 12.50 9.15
O2 MPD F . 1.74 13.93 8.98
CM MPD F . 3.12 12.07 9.66
C3 MPD F . 0.62 12.10 10.14
C4 MPD F . 0.01 10.70 10.03
O4 MPD F . -0.51 10.47 8.71
C5 MPD F . 0.96 9.57 10.41
C1 MPD G . -0.71 2.38 12.83
C2 MPD G . -0.68 1.52 11.61
O2 MPD G . 0.68 1.48 11.13
CM MPD G . -1.55 2.15 10.56
C3 MPD G . -1.18 0.10 11.97
C4 MPD G . -0.36 -0.74 12.93
O4 MPD G . 0.02 0.03 14.07
C5 MPD G . -1.11 -1.98 13.38
C1 MPD H . 7.53 -10.66 11.21
C2 MPD H . 8.42 -11.89 11.19
O2 MPD H . 7.64 -13.02 10.82
CM MPD H . 9.52 -11.68 10.15
C3 MPD H . 9.04 -12.11 12.57
C4 MPD H . 8.16 -12.55 13.72
O4 MPD H . 7.90 -13.95 13.60
C5 MPD H . 8.88 -12.30 15.04
CL CL I . 22.10 8.95 5.00
C1 GOL J . 15.33 -8.44 13.10
O1 GOL J . 15.15 -7.39 12.15
C2 GOL J . 16.55 -9.29 12.77
O2 GOL J . 17.67 -8.45 12.56
C3 GOL J . 16.84 -10.27 13.88
O3 GOL J . 18.06 -10.97 13.65
C1 GOL K . 26.80 11.25 5.25
O1 GOL K . 25.67 11.27 6.11
C2 GOL K . 27.48 12.62 5.19
O2 GOL K . 28.78 12.49 4.63
C3 GOL K . 26.72 13.61 4.35
O3 GOL K . 27.39 14.86 4.25
C1 MPD L . 14.24 19.34 -2.17
C2 MPD L . 13.00 18.73 -2.80
O2 MPD L . 13.31 17.41 -3.26
CM MPD L . 11.91 18.64 -1.75
C3 MPD L . 12.51 19.61 -3.96
C4 MPD L . 11.17 19.29 -4.57
O4 MPD L . 10.85 20.23 -5.59
C5 MPD L . 11.22 17.92 -5.18
C1 GOL M . 9.24 19.40 -0.10
O1 GOL M . 8.81 19.46 -1.46
C2 GOL M . 9.57 20.79 0.42
O2 GOL M . 8.40 21.59 0.38
C3 GOL M . 10.12 20.78 1.84
O3 GOL M . 10.35 22.11 2.30
C1 MPD N . -16.93 -7.74 -17.05
C2 MPD N . -16.07 -6.48 -17.07
O2 MPD N . -16.23 -5.81 -15.81
CM MPD N . -14.61 -6.86 -17.25
C3 MPD N . -16.52 -5.56 -18.20
C4 MPD N . -15.86 -4.19 -18.35
O4 MPD N . -14.47 -4.35 -18.66
C5 MPD N . -16.53 -3.46 -19.50
CL CL O . -20.82 -12.48 -3.67
C1 MPD P . -12.28 -27.17 0.31
C2 MPD P . -12.75 -28.33 -0.54
O2 MPD P . -13.19 -27.83 -1.80
CM MPD P . -11.59 -29.30 -0.80
C3 MPD P . -13.91 -29.07 0.13
C4 MPD P . -14.99 -29.65 -0.77
O4 MPD P . -14.41 -30.17 -1.96
C5 MPD P . -15.82 -30.71 -0.06
C1 GOL Q . -24.39 -13.63 -0.81
O1 GOL Q . -25.31 -14.71 -0.68
C2 GOL Q . -24.87 -12.64 -1.87
O2 GOL Q . -26.17 -12.17 -1.50
C3 GOL Q . -23.95 -11.45 -1.99
O3 GOL Q . -24.04 -10.61 -0.85
C1 TFA R . 5.15 -14.66 -11.61
C2 TFA R . 6.35 -15.15 -10.78
O TFA R . 4.10 -15.26 -11.57
F1 TFA R . 6.71 -16.38 -11.09
F2 TFA R . 7.42 -14.39 -10.96
F3 TFA R . 6.10 -15.14 -9.48
OXT TFA R . 5.25 -13.66 -12.30
#